data_1NVS
#
_entry.id   1NVS
#
_cell.length_a   45.032
_cell.length_b   65.897
_cell.length_c   58.156
_cell.angle_alpha   90.00
_cell.angle_beta   94.21
_cell.angle_gamma   90.00
#
_symmetry.space_group_name_H-M   'P 1 21 1'
#
loop_
_entity.id
_entity.type
_entity.pdbx_description
1 polymer 'Serine/threonine-protein kinase Chk1'
2 polymer 'Peptide ASVSA'
3 non-polymer 'SULFATE ION'
4 non-polymer "REL-(9R,12S)-9,10,11,12-TETRAHYDRO-9,12-EPOXY-1H-DIINDOLO[1,2,3-FG:3',2',1'-KL]PYRROLO[3,4-I][1,6]BENZODIAZOCINE-1,3(2H)-DIONE"
5 water water
#
loop_
_entity_poly.entity_id
_entity_poly.type
_entity_poly.pdbx_seq_one_letter_code
_entity_poly.pdbx_strand_id
1 'polypeptide(L)'
;MAVPFVEDWDLVQTLGEGAYGEVQLAVNRVTEEAVAVKIVDMKRAVDCPENIKKEICINKMLNHENVVKFYGHRREGNIQ
YLFLEYCSGGELFDRIEPDIGMPEPDAQRFFHQLMAGVVYLHGIGITHRDIKPENLLLDERDNLKISDFGLATVFRYNNR
ERLLNKMCGTLPYVAPELLKRREFHAEPVDVWSCGIVLTAMLAGELPWDQPSDSCQEYSDWKEKKTYLNPWKKIDSAPLA
LLHKILVENPSARITIPDIKKDRWYNKPLKKGAKRPRVTSGGVSESPSG
;
A
2 'polypeptide(L)' ASVSA B
#
# COMPACT_ATOMS: atom_id res chain seq x y z
N VAL A 3 -25.03 28.19 3.96
CA VAL A 3 -25.70 27.42 2.88
C VAL A 3 -26.27 26.11 3.41
N PRO A 4 -27.61 26.02 3.52
CA PRO A 4 -28.22 24.78 4.03
C PRO A 4 -27.99 23.57 3.13
N PHE A 5 -28.06 22.39 3.75
CA PHE A 5 -27.91 21.12 3.04
C PHE A 5 -26.47 20.74 2.66
N VAL A 6 -25.52 21.65 2.83
CA VAL A 6 -24.13 21.36 2.46
C VAL A 6 -23.44 20.25 3.25
N GLU A 7 -24.02 19.89 4.40
CA GLU A 7 -23.42 18.83 5.20
C GLU A 7 -24.11 17.50 4.99
N ASP A 8 -25.00 17.45 4.00
CA ASP A 8 -25.74 16.23 3.68
C ASP A 8 -25.07 15.48 2.55
N TRP A 9 -24.82 14.19 2.79
CA TRP A 9 -24.21 13.33 1.80
C TRP A 9 -25.06 12.09 1.57
N ASP A 10 -25.27 11.72 0.31
CA ASP A 10 -26.03 10.53 0.00
C ASP A 10 -25.04 9.40 -0.26
N LEU A 11 -25.28 8.24 0.34
CA LEU A 11 -24.42 7.08 0.12
C LEU A 11 -25.05 6.38 -1.07
N VAL A 12 -24.36 6.43 -2.21
CA VAL A 12 -24.87 5.85 -3.45
C VAL A 12 -24.23 4.58 -4.01
N GLN A 13 -23.19 4.07 -3.36
CA GLN A 13 -22.54 2.87 -3.88
C GLN A 13 -21.56 2.24 -2.90
N THR A 14 -21.54 0.91 -2.85
CA THR A 14 -20.63 0.19 -1.97
C THR A 14 -19.27 0.08 -2.64
N LEU A 15 -18.24 0.57 -1.97
CA LEU A 15 -16.89 0.51 -2.51
C LEU A 15 -16.15 -0.69 -1.95
N GLY A 16 -16.44 -1.04 -0.70
CA GLY A 16 -15.79 -2.17 -0.06
C GLY A 16 -16.69 -2.85 0.93
N GLU A 17 -16.32 -4.06 1.34
CA GLU A 17 -17.11 -4.83 2.30
C GLU A 17 -16.33 -6.04 2.82
N GLY A 18 -16.31 -6.19 4.14
CA GLY A 18 -15.60 -7.30 4.74
C GLY A 18 -15.99 -7.44 6.20
N ALA A 19 -15.56 -8.53 6.83
CA ALA A 19 -15.86 -8.76 8.24
C ALA A 19 -15.19 -7.69 9.10
N TYR A 20 -15.66 -6.46 8.96
CA TYR A 20 -15.12 -5.33 9.70
C TYR A 20 -15.98 -4.09 9.45
N GLY A 21 -16.69 -4.09 8.33
CA GLY A 21 -17.55 -2.97 7.99
C GLY A 21 -17.68 -2.79 6.50
N GLU A 22 -17.75 -1.53 6.05
CA GLU A 22 -17.89 -1.25 4.63
C GLU A 22 -17.51 0.18 4.28
N VAL A 23 -17.23 0.40 3.01
CA VAL A 23 -16.86 1.72 2.49
C VAL A 23 -17.90 2.09 1.44
N GLN A 24 -18.53 3.25 1.62
CA GLN A 24 -19.55 3.71 0.69
C GLN A 24 -19.12 4.99 -0.03
N LEU A 25 -19.57 5.14 -1.27
CA LEU A 25 -19.28 6.34 -2.04
C LEU A 25 -20.34 7.34 -1.61
N ALA A 26 -19.92 8.48 -1.07
CA ALA A 26 -20.87 9.50 -0.62
C ALA A 26 -20.77 10.71 -1.54
N VAL A 27 -21.94 11.23 -1.93
CA VAL A 27 -22.00 12.37 -2.81
C VAL A 27 -22.73 13.52 -2.12
N ASN A 28 -22.10 14.69 -2.09
CA ASN A 28 -22.68 15.84 -1.44
C ASN A 28 -23.97 16.29 -2.11
N ARG A 29 -25.01 16.43 -1.30
CA ARG A 29 -26.33 16.82 -1.78
C ARG A 29 -26.34 18.14 -2.54
N VAL A 30 -25.44 19.05 -2.16
CA VAL A 30 -25.36 20.35 -2.81
C VAL A 30 -24.28 20.47 -3.87
N THR A 31 -23.03 20.22 -3.47
CA THR A 31 -21.90 20.35 -4.36
C THR A 31 -21.63 19.17 -5.29
N GLU A 32 -22.16 18.01 -4.92
CA GLU A 32 -21.97 16.78 -5.69
C GLU A 32 -20.52 16.30 -5.59
N GLU A 33 -19.81 16.78 -4.57
CA GLU A 33 -18.43 16.37 -4.34
C GLU A 33 -18.51 14.91 -3.95
N ALA A 34 -17.51 14.13 -4.35
CA ALA A 34 -17.49 12.70 -4.02
C ALA A 34 -16.39 12.38 -3.01
N VAL A 35 -16.77 11.65 -1.97
CA VAL A 35 -15.83 11.24 -0.94
C VAL A 35 -16.16 9.81 -0.54
N ALA A 36 -15.18 9.13 0.04
CA ALA A 36 -15.39 7.75 0.49
C ALA A 36 -15.68 7.81 1.98
N VAL A 37 -16.68 7.06 2.41
CA VAL A 37 -17.01 7.05 3.82
C VAL A 37 -16.82 5.66 4.40
N LYS A 38 -15.89 5.53 5.34
CA LYS A 38 -15.65 4.24 5.96
C LYS A 38 -16.58 4.17 7.16
N ILE A 39 -17.44 3.15 7.19
CA ILE A 39 -18.39 2.96 8.27
C ILE A 39 -17.99 1.74 9.08
N VAL A 40 -17.67 1.96 10.35
CA VAL A 40 -17.27 0.87 11.24
C VAL A 40 -18.10 0.83 12.52
N ASP A 41 -18.66 -0.34 12.79
CA ASP A 41 -19.48 -0.55 13.99
C ASP A 41 -18.57 -0.89 15.16
N MET A 42 -18.41 0.05 16.10
CA MET A 42 -17.56 -0.19 17.27
C MET A 42 -18.23 -1.16 18.24
N LYS A 43 -18.80 -2.24 17.70
CA LYS A 43 -19.46 -3.24 18.52
C LYS A 43 -18.46 -4.29 19.02
N ASN A 51 -8.63 0.42 18.30
CA ASN A 51 -8.31 0.17 16.86
C ASN A 51 -8.68 1.36 15.99
N ILE A 52 -9.97 1.66 15.91
CA ILE A 52 -10.46 2.77 15.11
C ILE A 52 -9.84 4.08 15.60
N LYS A 53 -9.68 4.18 16.91
CA LYS A 53 -9.10 5.37 17.53
C LYS A 53 -7.68 5.61 17.01
N LYS A 54 -6.90 4.54 16.95
CA LYS A 54 -5.52 4.62 16.48
C LYS A 54 -5.44 4.96 15.00
N GLU A 55 -6.32 4.36 14.20
CA GLU A 55 -6.35 4.61 12.76
C GLU A 55 -6.65 6.08 12.49
N ILE A 56 -7.58 6.64 13.26
CA ILE A 56 -7.95 8.04 13.11
C ILE A 56 -6.79 8.92 13.53
N CYS A 57 -6.14 8.55 14.63
CA CYS A 57 -5.01 9.31 15.13
C CYS A 57 -3.92 9.41 14.05
N ILE A 58 -3.61 8.28 13.44
CA ILE A 58 -2.59 8.26 12.41
C ILE A 58 -3.05 9.02 11.16
N ASN A 59 -4.31 8.87 10.78
CA ASN A 59 -4.81 9.59 9.61
C ASN A 59 -4.72 11.10 9.76
N LYS A 60 -4.84 11.58 11.00
CA LYS A 60 -4.76 13.01 11.26
C LYS A 60 -3.35 13.57 11.03
N MET A 61 -2.38 12.68 10.93
CA MET A 61 -0.99 13.08 10.72
C MET A 61 -0.65 13.12 9.23
N LEU A 62 -1.50 12.53 8.41
CA LEU A 62 -1.24 12.41 6.97
C LEU A 62 -1.65 13.52 6.02
N ASN A 63 -0.68 14.00 5.24
CA ASN A 63 -0.91 15.03 4.24
C ASN A 63 0.08 14.83 3.09
N HIS A 64 -0.30 14.04 2.10
CA HIS A 64 0.59 13.79 0.96
C HIS A 64 -0.21 13.33 -0.27
N GLU A 65 0.21 13.78 -1.44
CA GLU A 65 -0.49 13.46 -2.69
C GLU A 65 -0.58 11.98 -3.05
N ASN A 66 0.25 11.14 -2.43
CA ASN A 66 0.20 9.71 -2.71
C ASN A 66 -0.29 8.90 -1.52
N VAL A 67 -1.06 9.55 -0.65
CA VAL A 67 -1.64 8.91 0.53
C VAL A 67 -3.10 9.38 0.57
N VAL A 68 -4.02 8.45 0.72
CA VAL A 68 -5.45 8.79 0.78
C VAL A 68 -5.68 9.89 1.82
N LYS A 69 -6.25 11.00 1.37
CA LYS A 69 -6.51 12.12 2.26
C LYS A 69 -7.61 11.80 3.27
N PHE A 70 -7.44 12.32 4.49
CA PHE A 70 -8.40 12.12 5.57
C PHE A 70 -9.06 13.48 5.83
N TYR A 71 -10.36 13.56 5.57
CA TYR A 71 -11.10 14.80 5.75
C TYR A 71 -11.55 15.01 7.19
N GLY A 72 -11.86 13.92 7.88
CA GLY A 72 -12.29 14.02 9.25
C GLY A 72 -13.16 12.84 9.63
N HIS A 73 -13.70 12.86 10.84
CA HIS A 73 -14.54 11.75 11.30
C HIS A 73 -15.66 12.28 12.20
N ARG A 74 -16.67 11.44 12.38
CA ARG A 74 -17.82 11.76 13.22
C ARG A 74 -18.42 10.44 13.68
N ARG A 75 -18.91 10.40 14.92
CA ARG A 75 -19.50 9.18 15.43
C ARG A 75 -20.86 9.42 16.06
N GLU A 76 -21.77 8.49 15.82
CA GLU A 76 -23.12 8.57 16.36
C GLU A 76 -23.39 7.32 17.16
N GLY A 77 -22.99 7.34 18.42
CA GLY A 77 -23.20 6.19 19.29
C GLY A 77 -22.15 5.12 19.12
N ASN A 78 -22.54 4.04 18.44
CA ASN A 78 -21.63 2.91 18.23
C ASN A 78 -21.02 2.88 16.84
N ILE A 79 -21.40 3.83 15.99
CA ILE A 79 -20.87 3.87 14.63
C ILE A 79 -19.94 5.05 14.37
N GLN A 80 -18.77 4.75 13.82
CA GLN A 80 -17.77 5.77 13.49
C GLN A 80 -17.78 5.98 11.98
N TYR A 81 -17.73 7.25 11.56
CA TYR A 81 -17.72 7.58 10.14
C TYR A 81 -16.42 8.28 9.78
N LEU A 82 -15.65 7.66 8.89
CA LEU A 82 -14.39 8.25 8.45
C LEU A 82 -14.53 8.77 7.02
N PHE A 83 -14.34 10.08 6.85
CA PHE A 83 -14.44 10.68 5.52
C PHE A 83 -13.07 10.66 4.87
N LEU A 84 -12.96 9.88 3.80
CA LEU A 84 -11.71 9.71 3.08
C LEU A 84 -11.78 10.07 1.61
N GLU A 85 -10.62 10.39 1.04
CA GLU A 85 -10.52 10.74 -0.37
C GLU A 85 -11.06 9.63 -1.27
N TYR A 86 -11.91 10.00 -2.22
CA TYR A 86 -12.47 9.03 -3.16
C TYR A 86 -11.53 8.89 -4.36
N CYS A 87 -11.09 7.66 -4.62
CA CYS A 87 -10.19 7.37 -5.73
C CYS A 87 -11.00 6.59 -6.76
N SER A 88 -11.54 7.30 -7.74
CA SER A 88 -12.40 6.69 -8.78
C SER A 88 -11.76 5.61 -9.66
N GLY A 89 -10.43 5.58 -9.70
CA GLY A 89 -9.75 4.59 -10.52
C GLY A 89 -9.74 3.19 -9.94
N GLY A 90 -10.17 3.06 -8.69
CA GLY A 90 -10.20 1.76 -8.06
C GLY A 90 -8.85 1.28 -7.54
N GLU A 91 -8.74 -0.03 -7.32
CA GLU A 91 -7.53 -0.64 -6.82
C GLU A 91 -6.49 -0.94 -7.87
N LEU A 92 -5.23 -0.81 -7.51
CA LEU A 92 -4.14 -1.11 -8.43
C LEU A 92 -4.28 -2.59 -8.79
N PHE A 93 -4.79 -3.36 -7.83
CA PHE A 93 -4.97 -4.80 -8.01
C PHE A 93 -5.68 -5.13 -9.32
N ASP A 94 -6.65 -4.31 -9.71
CA ASP A 94 -7.42 -4.54 -10.93
C ASP A 94 -6.76 -4.06 -12.23
N ARG A 95 -5.57 -3.50 -12.14
CA ARG A 95 -4.84 -3.03 -13.33
C ARG A 95 -3.75 -4.05 -13.65
N ILE A 96 -3.66 -5.09 -12.83
CA ILE A 96 -2.70 -6.15 -13.01
C ILE A 96 -3.37 -7.31 -13.73
N GLU A 97 -2.88 -7.64 -14.92
CA GLU A 97 -3.44 -8.74 -15.70
C GLU A 97 -2.87 -10.07 -15.22
N PRO A 98 -3.75 -11.00 -14.83
CA PRO A 98 -3.30 -12.31 -14.36
C PRO A 98 -2.24 -12.94 -15.28
N ASP A 99 -1.12 -13.33 -14.69
CA ASP A 99 -0.02 -13.96 -15.40
C ASP A 99 0.66 -13.10 -16.45
N ILE A 100 0.26 -11.84 -16.53
CA ILE A 100 0.83 -10.91 -17.50
C ILE A 100 1.43 -9.68 -16.83
N GLY A 101 0.67 -9.06 -15.94
CA GLY A 101 1.15 -7.87 -15.26
C GLY A 101 0.61 -6.64 -15.97
N MET A 102 1.50 -5.74 -16.36
CA MET A 102 1.10 -4.52 -17.05
C MET A 102 2.33 -3.99 -17.78
N PRO A 103 2.14 -2.98 -18.65
CA PRO A 103 3.29 -2.42 -19.37
C PRO A 103 4.33 -1.92 -18.37
N GLU A 104 5.60 -2.26 -18.62
CA GLU A 104 6.68 -1.85 -17.73
C GLU A 104 6.68 -0.36 -17.40
N PRO A 105 6.44 0.50 -18.41
CA PRO A 105 6.43 1.95 -18.15
C PRO A 105 5.37 2.34 -17.12
N ASP A 106 4.21 1.70 -17.20
CA ASP A 106 3.12 1.96 -16.26
C ASP A 106 3.54 1.51 -14.86
N ALA A 107 4.14 0.32 -14.79
CA ALA A 107 4.59 -0.22 -13.52
C ALA A 107 5.64 0.69 -12.90
N GLN A 108 6.55 1.21 -13.72
CA GLN A 108 7.58 2.10 -13.21
C GLN A 108 6.98 3.37 -12.64
N ARG A 109 5.98 3.94 -13.33
CA ARG A 109 5.33 5.15 -12.87
C ARG A 109 4.62 4.89 -11.53
N PHE A 110 3.90 3.78 -11.45
CA PHE A 110 3.21 3.43 -10.21
C PHE A 110 4.23 3.21 -9.09
N PHE A 111 5.35 2.58 -9.42
CA PHE A 111 6.39 2.33 -8.43
C PHE A 111 7.01 3.63 -7.92
N HIS A 112 7.19 4.60 -8.82
CA HIS A 112 7.73 5.91 -8.44
C HIS A 112 6.80 6.56 -7.41
N GLN A 113 5.50 6.50 -7.68
CA GLN A 113 4.53 7.12 -6.78
C GLN A 113 4.43 6.39 -5.44
N LEU A 114 4.52 5.06 -5.49
CA LEU A 114 4.49 4.26 -4.27
C LEU A 114 5.69 4.67 -3.40
N MET A 115 6.86 4.77 -4.00
CA MET A 115 8.05 5.16 -3.24
C MET A 115 7.86 6.54 -2.62
N ALA A 116 7.26 7.45 -3.38
CA ALA A 116 7.03 8.80 -2.88
C ALA A 116 6.18 8.75 -1.62
N GLY A 117 5.12 7.94 -1.67
CA GLY A 117 4.23 7.82 -0.53
C GLY A 117 4.91 7.15 0.66
N VAL A 118 5.67 6.09 0.40
CA VAL A 118 6.36 5.39 1.49
C VAL A 118 7.45 6.27 2.12
N VAL A 119 8.19 7.01 1.30
CA VAL A 119 9.23 7.91 1.80
C VAL A 119 8.56 8.91 2.74
N TYR A 120 7.41 9.42 2.31
CA TYR A 120 6.67 10.38 3.14
C TYR A 120 6.28 9.76 4.49
N LEU A 121 5.63 8.60 4.45
CA LEU A 121 5.21 7.94 5.67
C LEU A 121 6.39 7.68 6.61
N HIS A 122 7.45 7.10 6.08
CA HIS A 122 8.62 6.81 6.91
C HIS A 122 9.20 8.10 7.46
N GLY A 123 9.09 9.18 6.67
CA GLY A 123 9.60 10.48 7.09
C GLY A 123 8.93 10.98 8.34
N ILE A 124 7.64 10.68 8.52
CA ILE A 124 6.95 11.12 9.73
C ILE A 124 6.85 10.00 10.76
N GLY A 125 7.67 8.96 10.55
CA GLY A 125 7.71 7.85 11.49
C GLY A 125 6.55 6.87 11.50
N ILE A 126 5.86 6.75 10.39
CA ILE A 126 4.73 5.84 10.29
C ILE A 126 5.05 4.69 9.33
N THR A 127 4.69 3.47 9.72
CA THR A 127 4.88 2.32 8.84
C THR A 127 3.48 1.77 8.56
N HIS A 128 3.21 1.48 7.29
CA HIS A 128 1.89 1.01 6.88
C HIS A 128 1.61 -0.44 7.31
N ARG A 129 2.61 -1.30 7.12
CA ARG A 129 2.58 -2.72 7.48
C ARG A 129 1.69 -3.67 6.69
N ASP A 130 1.01 -3.15 5.67
CA ASP A 130 0.15 -4.02 4.85
C ASP A 130 0.06 -3.51 3.42
N ILE A 131 1.22 -3.16 2.86
CA ILE A 131 1.28 -2.69 1.49
C ILE A 131 1.05 -3.86 0.53
N LYS A 132 0.07 -3.69 -0.35
CA LYS A 132 -0.29 -4.68 -1.37
C LYS A 132 -1.21 -3.96 -2.35
N PRO A 133 -1.36 -4.48 -3.57
CA PRO A 133 -2.20 -3.86 -4.60
C PRO A 133 -3.61 -3.50 -4.17
N GLU A 134 -4.18 -4.26 -3.24
CA GLU A 134 -5.54 -3.99 -2.77
C GLU A 134 -5.61 -2.71 -1.93
N ASN A 135 -4.47 -2.31 -1.38
CA ASN A 135 -4.40 -1.09 -0.56
C ASN A 135 -3.72 0.08 -1.27
N LEU A 136 -3.60 -0.01 -2.58
CA LEU A 136 -3.02 1.07 -3.39
C LEU A 136 -4.11 1.45 -4.38
N LEU A 137 -4.72 2.61 -4.14
CA LEU A 137 -5.82 3.08 -4.98
C LEU A 137 -5.37 4.09 -6.02
N LEU A 138 -6.20 4.29 -7.04
CA LEU A 138 -5.88 5.20 -8.12
C LEU A 138 -6.97 6.28 -8.29
N ASP A 139 -6.55 7.53 -8.49
CA ASP A 139 -7.53 8.60 -8.68
C ASP A 139 -7.91 8.66 -10.15
N GLU A 140 -8.62 9.71 -10.55
CA GLU A 140 -9.06 9.87 -11.94
C GLU A 140 -7.94 9.97 -12.96
N ARG A 141 -6.77 10.43 -12.52
CA ARG A 141 -5.62 10.55 -13.41
C ARG A 141 -4.63 9.42 -13.16
N ASP A 142 -5.13 8.34 -12.56
CA ASP A 142 -4.30 7.18 -12.26
C ASP A 142 -3.13 7.45 -11.33
N ASN A 143 -3.29 8.42 -10.44
CA ASN A 143 -2.25 8.71 -9.45
C ASN A 143 -2.48 7.72 -8.32
N LEU A 144 -1.41 7.12 -7.83
CA LEU A 144 -1.49 6.13 -6.75
C LEU A 144 -1.62 6.75 -5.36
N LYS A 145 -2.47 6.15 -4.54
CA LYS A 145 -2.73 6.61 -3.18
C LYS A 145 -2.69 5.43 -2.22
N ILE A 146 -1.78 5.49 -1.24
CA ILE A 146 -1.65 4.44 -0.25
C ILE A 146 -2.90 4.52 0.63
N SER A 147 -3.57 3.39 0.81
CA SER A 147 -4.81 3.32 1.58
C SER A 147 -4.88 2.35 2.75
N ASP A 148 -5.79 2.64 3.67
CA ASP A 148 -6.06 1.83 4.86
C ASP A 148 -4.93 1.79 5.90
N PHE A 149 -5.06 2.60 6.95
CA PHE A 149 -4.04 2.63 7.98
C PHE A 149 -4.47 1.91 9.25
N GLY A 150 -5.33 0.91 9.07
CA GLY A 150 -5.82 0.13 10.19
C GLY A 150 -4.77 -0.74 10.85
N LEU A 151 -3.68 -1.02 10.14
CA LEU A 151 -2.60 -1.84 10.69
C LEU A 151 -1.33 -1.02 10.88
N ALA A 152 -1.40 0.25 10.52
CA ALA A 152 -0.25 1.16 10.63
C ALA A 152 0.12 1.47 12.07
N THR A 153 1.37 1.88 12.29
CA THR A 153 1.82 2.22 13.62
C THR A 153 3.04 3.13 13.56
N VAL A 154 3.36 3.75 14.69
CA VAL A 154 4.52 4.64 14.76
C VAL A 154 5.76 3.83 15.08
N PHE A 155 6.82 4.02 14.31
CA PHE A 155 8.06 3.30 14.55
C PHE A 155 9.18 4.27 14.95
N ARG A 156 8.89 5.57 14.89
CA ARG A 156 9.88 6.57 15.29
C ARG A 156 9.13 7.73 15.93
N TYR A 157 9.58 8.12 17.11
CA TYR A 157 8.95 9.21 17.84
C TYR A 157 10.04 9.92 18.63
N ASN A 158 10.08 11.24 18.56
CA ASN A 158 11.10 12.02 19.24
C ASN A 158 12.50 11.58 18.79
N ASN A 159 12.61 11.32 17.48
CA ASN A 159 13.85 10.91 16.83
C ASN A 159 14.40 9.59 17.37
N ARG A 160 13.54 8.79 18.00
CA ARG A 160 13.97 7.51 18.54
C ARG A 160 13.18 6.38 17.88
N GLU A 161 13.89 5.42 17.31
CA GLU A 161 13.25 4.30 16.64
C GLU A 161 12.80 3.19 17.59
N ARG A 162 11.62 2.65 17.32
CA ARG A 162 11.06 1.56 18.11
C ARG A 162 11.07 0.30 17.25
N LEU A 163 11.69 -0.77 17.75
CA LEU A 163 11.71 -2.02 17.00
C LEU A 163 10.32 -2.64 17.11
N LEU A 164 9.86 -3.28 16.04
CA LEU A 164 8.55 -3.90 16.04
C LEU A 164 8.63 -5.40 16.34
N ASN A 165 7.52 -5.97 16.81
CA ASN A 165 7.47 -7.40 17.10
C ASN A 165 6.14 -8.03 16.69
N LYS A 166 5.13 -7.20 16.46
CA LYS A 166 3.82 -7.71 16.07
C LYS A 166 3.84 -8.33 14.68
N MET A 167 3.33 -9.55 14.57
CA MET A 167 3.25 -10.22 13.27
C MET A 167 1.95 -9.77 12.63
N CYS A 168 2.05 -9.06 11.53
CA CYS A 168 0.86 -8.60 10.82
C CYS A 168 1.20 -8.34 9.37
N GLY A 169 0.15 -8.15 8.58
CA GLY A 169 0.34 -7.91 7.16
C GLY A 169 -0.40 -8.98 6.38
N THR A 170 0.14 -9.36 5.23
CA THR A 170 -0.46 -10.38 4.37
C THR A 170 0.70 -11.26 3.93
N LEU A 171 0.64 -12.55 4.27
CA LEU A 171 1.73 -13.49 4.01
C LEU A 171 2.53 -13.38 2.70
N PRO A 172 1.87 -13.35 1.54
CA PRO A 172 2.62 -13.25 0.28
C PRO A 172 3.48 -11.99 0.18
N TYR A 173 3.08 -10.94 0.90
CA TYR A 173 3.78 -9.66 0.89
C TYR A 173 4.70 -9.37 2.07
N VAL A 174 4.64 -10.23 3.08
CA VAL A 174 5.43 -10.02 4.28
C VAL A 174 6.91 -10.38 4.14
N ALA A 175 7.78 -9.61 4.81
CA ALA A 175 9.22 -9.85 4.78
C ALA A 175 9.57 -11.08 5.62
N PRO A 176 10.63 -11.80 5.25
CA PRO A 176 11.05 -13.01 5.98
C PRO A 176 11.38 -12.84 7.47
N GLU A 177 11.92 -11.69 7.84
CA GLU A 177 12.28 -11.45 9.24
C GLU A 177 11.04 -11.50 10.16
N LEU A 178 9.88 -11.15 9.62
CA LEU A 178 8.64 -11.19 10.41
C LEU A 178 8.32 -12.61 10.86
N LEU A 179 8.76 -13.59 10.08
CA LEU A 179 8.48 -14.99 10.40
C LEU A 179 9.65 -15.71 11.07
N LYS A 180 10.79 -15.04 11.16
CA LYS A 180 11.98 -15.67 11.74
C LYS A 180 12.54 -15.00 12.99
N ARG A 181 12.33 -13.70 13.12
CA ARG A 181 12.88 -12.96 14.25
C ARG A 181 11.82 -12.43 15.21
N ARG A 182 12.19 -12.28 16.49
CA ARG A 182 11.25 -11.77 17.48
C ARG A 182 11.04 -10.27 17.27
N GLU A 183 12.13 -9.55 16.99
CA GLU A 183 12.06 -8.11 16.76
C GLU A 183 12.67 -7.75 15.41
N PHE A 184 12.23 -6.65 14.84
CA PHE A 184 12.74 -6.23 13.54
C PHE A 184 12.45 -4.77 13.27
N HIS A 185 13.28 -4.17 12.42
CA HIS A 185 13.13 -2.77 12.02
C HIS A 185 11.90 -2.62 11.12
N ALA A 186 11.18 -1.52 11.27
CA ALA A 186 9.98 -1.27 10.49
C ALA A 186 10.18 -1.02 8.99
N GLU A 187 11.10 -0.11 8.67
CA GLU A 187 11.32 0.28 7.28
C GLU A 187 11.63 -0.80 6.26
N PRO A 188 12.56 -1.72 6.57
CA PRO A 188 12.85 -2.77 5.59
C PRO A 188 11.64 -3.65 5.28
N VAL A 189 10.71 -3.74 6.23
CA VAL A 189 9.52 -4.57 5.99
C VAL A 189 8.64 -3.95 4.93
N ASP A 190 8.45 -2.63 4.96
CA ASP A 190 7.62 -1.98 3.95
C ASP A 190 8.35 -2.01 2.60
N VAL A 191 9.68 -1.93 2.64
CA VAL A 191 10.45 -1.96 1.40
C VAL A 191 10.22 -3.30 0.70
N TRP A 192 10.21 -4.37 1.49
CA TRP A 192 10.01 -5.72 0.95
C TRP A 192 8.66 -5.82 0.27
N SER A 193 7.61 -5.40 0.98
CA SER A 193 6.26 -5.43 0.42
C SER A 193 6.20 -4.69 -0.91
N CYS A 194 6.87 -3.54 -1.00
CA CYS A 194 6.88 -2.77 -2.25
C CYS A 194 7.55 -3.60 -3.36
N GLY A 195 8.53 -4.42 -2.98
CA GLY A 195 9.21 -5.26 -3.95
C GLY A 195 8.26 -6.32 -4.50
N ILE A 196 7.42 -6.88 -3.63
CA ILE A 196 6.46 -7.90 -4.05
C ILE A 196 5.41 -7.26 -4.96
N VAL A 197 5.01 -6.03 -4.64
CA VAL A 197 4.03 -5.33 -5.46
C VAL A 197 4.64 -5.11 -6.86
N LEU A 198 5.92 -4.76 -6.91
CA LEU A 198 6.58 -4.55 -8.19
C LEU A 198 6.60 -5.85 -9.00
N THR A 199 6.88 -6.95 -8.33
CA THR A 199 6.91 -8.25 -9.00
C THR A 199 5.54 -8.53 -9.61
N ALA A 200 4.49 -8.30 -8.83
CA ALA A 200 3.12 -8.52 -9.28
C ALA A 200 2.79 -7.65 -10.50
N MET A 201 3.17 -6.38 -10.45
CA MET A 201 2.90 -5.48 -11.58
C MET A 201 3.61 -5.91 -12.86
N LEU A 202 4.80 -6.47 -12.72
CA LEU A 202 5.57 -6.88 -13.89
C LEU A 202 5.37 -8.32 -14.35
N ALA A 203 4.78 -9.17 -13.52
CA ALA A 203 4.58 -10.57 -13.89
C ALA A 203 3.15 -11.07 -13.79
N GLY A 204 2.30 -10.31 -13.10
CA GLY A 204 0.92 -10.73 -12.96
C GLY A 204 0.72 -11.94 -12.06
N GLU A 205 1.70 -12.19 -11.20
CA GLU A 205 1.61 -13.31 -10.26
C GLU A 205 2.53 -13.05 -9.06
N LEU A 206 2.16 -13.63 -7.91
CA LEU A 206 2.96 -13.49 -6.70
C LEU A 206 3.98 -14.61 -6.69
N PRO A 207 5.25 -14.30 -6.36
CA PRO A 207 6.34 -15.27 -6.32
C PRO A 207 6.20 -16.46 -5.37
N TRP A 208 5.62 -16.23 -4.20
CA TRP A 208 5.47 -17.33 -3.23
C TRP A 208 4.31 -17.11 -2.27
N ASP A 209 3.89 -18.18 -1.61
CA ASP A 209 2.80 -18.08 -0.64
C ASP A 209 3.30 -17.33 0.60
N GLN A 210 4.59 -17.48 0.88
CA GLN A 210 5.23 -16.83 2.03
C GLN A 210 6.74 -17.02 1.93
N PRO A 211 7.53 -16.06 2.47
CA PRO A 211 9.00 -16.14 2.42
C PRO A 211 9.62 -17.04 3.48
N SER A 212 9.40 -18.35 3.36
CA SER A 212 9.95 -19.30 4.31
C SER A 212 10.80 -20.33 3.56
N ASP A 213 11.84 -20.84 4.21
CA ASP A 213 12.70 -21.84 3.60
C ASP A 213 11.91 -23.09 3.24
N SER A 214 10.75 -23.25 3.88
CA SER A 214 9.89 -24.39 3.62
C SER A 214 9.14 -24.22 2.30
N CYS A 215 9.02 -22.97 1.86
CA CYS A 215 8.33 -22.68 0.60
C CYS A 215 9.30 -22.85 -0.56
N GLN A 216 9.02 -23.83 -1.41
CA GLN A 216 9.88 -24.12 -2.56
C GLN A 216 10.16 -22.91 -3.45
N GLU A 217 9.12 -22.15 -3.78
CA GLU A 217 9.29 -20.97 -4.63
C GLU A 217 10.29 -19.99 -4.04
N TYR A 218 10.24 -19.81 -2.73
CA TYR A 218 11.17 -18.89 -2.07
C TYR A 218 12.58 -19.46 -2.07
N SER A 219 12.71 -20.76 -1.85
CA SER A 219 14.05 -21.36 -1.86
C SER A 219 14.67 -21.21 -3.23
N ASP A 220 13.86 -21.37 -4.28
CA ASP A 220 14.37 -21.24 -5.64
C ASP A 220 14.92 -19.85 -5.88
N TRP A 221 14.23 -18.83 -5.36
CA TRP A 221 14.69 -17.46 -5.52
C TRP A 221 16.02 -17.25 -4.81
N LYS A 222 16.14 -17.76 -3.59
CA LYS A 222 17.38 -17.62 -2.84
C LYS A 222 18.48 -18.37 -3.57
N GLU A 223 18.09 -19.36 -4.39
CA GLU A 223 19.05 -20.14 -5.16
C GLU A 223 19.27 -19.51 -6.53
N LYS A 224 18.67 -18.33 -6.72
CA LYS A 224 18.80 -17.55 -7.95
C LYS A 224 18.36 -18.23 -9.25
N LYS A 225 17.29 -19.00 -9.18
CA LYS A 225 16.77 -19.68 -10.36
C LYS A 225 15.78 -18.76 -11.06
N THR A 226 16.29 -17.68 -11.65
CA THR A 226 15.47 -16.70 -12.32
C THR A 226 14.93 -17.15 -13.68
N TYR A 227 15.28 -18.36 -14.10
CA TYR A 227 14.80 -18.88 -15.37
C TYR A 227 13.38 -19.41 -15.18
N LEU A 228 12.93 -19.40 -13.92
CA LEU A 228 11.59 -19.86 -13.57
C LEU A 228 10.68 -18.66 -13.39
N ASN A 229 9.37 -18.89 -13.44
CA ASN A 229 8.40 -17.82 -13.25
C ASN A 229 8.38 -17.44 -11.79
N PRO A 230 8.06 -16.18 -11.46
CA PRO A 230 7.70 -15.10 -12.40
C PRO A 230 8.90 -14.33 -12.95
N TRP A 231 10.07 -14.64 -12.41
CA TRP A 231 11.30 -13.94 -12.78
C TRP A 231 11.66 -13.96 -14.27
N LYS A 232 11.37 -15.06 -14.97
CA LYS A 232 11.71 -15.10 -16.39
C LYS A 232 10.86 -14.16 -17.23
N LYS A 233 9.78 -13.63 -16.65
CA LYS A 233 8.90 -12.71 -17.35
C LYS A 233 9.32 -11.25 -17.15
N ILE A 234 10.27 -11.04 -16.26
CA ILE A 234 10.75 -9.70 -15.94
C ILE A 234 12.08 -9.35 -16.61
N ASP A 235 12.14 -8.17 -17.21
CA ASP A 235 13.34 -7.73 -17.90
C ASP A 235 14.53 -7.60 -16.94
N SER A 236 15.74 -7.67 -17.49
CA SER A 236 16.97 -7.58 -16.71
C SER A 236 17.09 -6.36 -15.80
N ALA A 237 16.72 -5.18 -16.30
CA ALA A 237 16.82 -3.96 -15.52
C ALA A 237 15.97 -4.01 -14.24
N PRO A 238 14.64 -4.17 -14.39
CA PRO A 238 13.86 -4.24 -13.15
C PRO A 238 14.17 -5.46 -12.28
N LEU A 239 14.62 -6.55 -12.91
CA LEU A 239 14.93 -7.75 -12.15
C LEU A 239 16.14 -7.48 -11.25
N ALA A 240 17.08 -6.68 -11.73
CA ALA A 240 18.27 -6.35 -10.95
C ALA A 240 17.86 -5.57 -9.70
N LEU A 241 16.81 -4.76 -9.82
CA LEU A 241 16.32 -3.99 -8.67
C LEU A 241 15.66 -4.95 -7.68
N LEU A 242 14.84 -5.87 -8.19
CA LEU A 242 14.17 -6.83 -7.34
C LEU A 242 15.21 -7.69 -6.58
N HIS A 243 16.34 -7.98 -7.23
CA HIS A 243 17.40 -8.75 -6.59
C HIS A 243 17.94 -8.00 -5.38
N LYS A 244 17.87 -6.67 -5.41
CA LYS A 244 18.36 -5.84 -4.32
C LYS A 244 17.31 -5.59 -3.22
N ILE A 245 16.04 -5.64 -3.61
CA ILE A 245 14.95 -5.45 -2.65
C ILE A 245 14.59 -6.73 -1.91
N LEU A 246 14.43 -7.82 -2.66
CA LEU A 246 14.03 -9.09 -2.05
C LEU A 246 15.22 -9.89 -1.50
N VAL A 247 15.92 -9.28 -0.55
CA VAL A 247 17.08 -9.87 0.11
C VAL A 247 16.63 -10.29 1.50
N GLU A 248 16.91 -11.54 1.87
CA GLU A 248 16.48 -12.05 3.18
C GLU A 248 16.95 -11.24 4.39
N ASN A 249 18.23 -10.90 4.43
CA ASN A 249 18.77 -10.13 5.56
C ASN A 249 18.31 -8.68 5.41
N PRO A 250 17.43 -8.21 6.32
CA PRO A 250 16.91 -6.84 6.29
C PRO A 250 17.98 -5.76 6.41
N SER A 251 19.11 -6.09 7.02
CA SER A 251 20.19 -5.13 7.15
C SER A 251 20.96 -4.95 5.84
N ALA A 252 20.90 -5.95 4.97
CA ALA A 252 21.58 -5.89 3.70
C ALA A 252 20.65 -5.43 2.59
N ARG A 253 19.35 -5.47 2.89
CA ARG A 253 18.33 -5.07 1.92
C ARG A 253 18.52 -3.60 1.52
N ILE A 254 18.26 -3.29 0.26
CA ILE A 254 18.39 -1.93 -0.23
C ILE A 254 17.44 -0.99 0.49
N THR A 255 17.89 0.25 0.71
CA THR A 255 17.05 1.24 1.37
C THR A 255 16.40 2.09 0.29
N ILE A 256 15.38 2.86 0.64
CA ILE A 256 14.73 3.69 -0.37
C ILE A 256 15.68 4.70 -1.00
N PRO A 257 16.53 5.37 -0.19
CA PRO A 257 17.44 6.34 -0.80
C PRO A 257 18.26 5.71 -1.94
N ASP A 258 18.59 4.43 -1.80
CA ASP A 258 19.36 3.75 -2.83
C ASP A 258 18.48 3.20 -3.95
N ILE A 259 17.22 2.92 -3.65
CA ILE A 259 16.30 2.46 -4.69
C ILE A 259 16.18 3.62 -5.68
N LYS A 260 16.19 4.84 -5.15
CA LYS A 260 16.09 6.03 -5.98
C LYS A 260 17.30 6.22 -6.90
N LYS A 261 18.39 5.51 -6.62
CA LYS A 261 19.61 5.61 -7.42
C LYS A 261 19.74 4.44 -8.39
N ASP A 262 18.80 3.50 -8.32
CA ASP A 262 18.81 2.33 -9.17
C ASP A 262 18.67 2.66 -10.65
N ARG A 263 19.38 1.90 -11.49
CA ARG A 263 19.36 2.12 -12.93
C ARG A 263 17.95 2.05 -13.54
N TRP A 264 17.21 1.01 -13.23
CA TRP A 264 15.86 0.88 -13.78
C TRP A 264 14.94 2.00 -13.26
N TYR A 265 15.04 2.29 -11.98
CA TYR A 265 14.21 3.32 -11.37
C TYR A 265 14.36 4.65 -12.13
N ASN A 266 15.56 4.92 -12.62
CA ASN A 266 15.82 6.17 -13.34
C ASN A 266 15.80 6.08 -14.87
N LYS A 267 15.38 4.94 -15.41
CA LYS A 267 15.35 4.79 -16.87
C LYS A 267 14.12 5.43 -17.51
N PRO A 268 14.33 6.30 -18.51
CA PRO A 268 13.20 6.94 -19.19
C PRO A 268 12.40 5.86 -19.93
N LEU A 269 11.12 5.71 -19.58
CA LEU A 269 10.29 4.67 -20.19
C LEU A 269 8.88 5.14 -20.55
N LYS A 270 8.29 5.93 -19.66
CA LYS A 270 6.92 6.40 -19.78
C LYS A 270 6.71 7.83 -20.27
N LYS A 271 5.91 7.98 -21.34
CA LYS A 271 5.60 9.29 -21.89
C LYS A 271 4.58 9.95 -20.97
N GLY A 272 4.55 11.28 -20.95
CA GLY A 272 3.57 11.97 -20.13
C GLY A 272 2.18 11.67 -20.65
N ALA A 273 1.16 11.94 -19.86
CA ALA A 273 -0.22 11.66 -20.29
C ALA A 273 -0.54 12.35 -21.61
N ALA B 1 -29.57 5.43 1.79
CA ALA B 1 -28.83 5.82 3.03
C ALA B 1 -28.15 7.17 2.85
N SER B 2 -27.94 7.88 3.96
CA SER B 2 -27.28 9.17 3.92
C SER B 2 -26.51 9.43 5.21
N VAL B 3 -25.60 10.40 5.17
CA VAL B 3 -24.81 10.75 6.34
C VAL B 3 -24.58 12.26 6.35
N SER B 4 -24.29 12.80 7.54
CA SER B 4 -24.04 14.23 7.68
C SER B 4 -22.58 14.45 8.02
N ALA B 5 -21.99 15.51 7.48
CA ALA B 5 -20.58 15.82 7.73
C ALA B 5 -20.43 16.75 8.93
#